data_2D1R
#
_entry.id   2D1R
#
_cell.length_a   57.612
_cell.length_b   181.402
_cell.length_c   52.743
_cell.angle_alpha   90.00
_cell.angle_beta   90.00
_cell.angle_gamma   90.00
#
_symmetry.space_group_name_H-M   'P 21 21 21'
#
loop_
_entity.id
_entity.type
_entity.pdbx_description
1 polymer 'Luciferin 4-monooxygenase'
2 non-polymer 'ADENOSINE MONOPHOSPHATE'
3 non-polymer 2-(6-HYDROXY-1,3-BENZOTHIAZOL-2-YL)-1,3-THIAZOL-4(5H)-ONE
4 water water
#
_entity_poly.entity_id   1
_entity_poly.type   'polypeptide(L)'
_entity_poly.pdbx_seq_one_letter_code
;MENMENDENIVVGPKPFYPIEEGSAGTQLRKYMERYAKLGAIAFTNAVTGVDYSYAEYLEKS(CSO)(CSO)LGKALQNY
GLVVDGRIALCSENCEEFFIPVIAGLFIGVGVAPTNEIYTLRELVHSLGISKPTIVFSSKKGLDKVITVQKTVTTIKTIV
ILDSKVDYRGYQCLDTFIKRNTPPGFQASSFKTVEVDRKEQVALIMNSSGSTGLPKGVQLTHENIVTRFSHARDPIYGNQ
VSPGTAVLTVVPFHHGFGMFTTLGYLICGFRVVMLTKFDEETFLKTLQDYKCTSVILVPTLFAILNKSELLNKYDLSNLV
EIASGGAPLSKEVGEAVARRFNLPGVRQGYGLTETTSAIIITPEGDDKPGASGKVVPLFKAKVIDLDTKKSLGPNRRGEV
CVKGPMLMKGYVNNPEATKELIDEEGWLHTGDIGYYDEEKHFFIVDRLKSLIKYKGYQVPPAELESVLLQHPSIFDAGVA
GVPDPVAGELPGAVVVLESGKNMTEKEVMDYVASQVSNAKRLRGGVRFVDEVPKGLTGKIDGRAIREILKKPVAKM
;
_entity_poly.pdbx_strand_id   A
#
loop_
_chem_comp.id
_chem_comp.type
_chem_comp.name
_chem_comp.formula
AMP non-polymer 'ADENOSINE MONOPHOSPHATE' 'C10 H14 N5 O7 P'
OLU non-polymer 2-(6-HYDROXY-1,3-BENZOTHIAZOL-2-YL)-1,3-THIAZOL-4(5H)-ONE 'C10 H6 N2 O2 S2'
#
# COMPACT_ATOMS: atom_id res chain seq x y z
N ASP A 7 -19.17 -24.94 8.04
CA ASP A 7 -19.09 -23.88 9.07
C ASP A 7 -19.72 -22.59 8.57
N GLU A 8 -20.86 -22.22 9.17
CA GLU A 8 -21.59 -21.03 8.78
C GLU A 8 -20.86 -19.74 9.22
N ASN A 9 -19.81 -19.89 10.03
CA ASN A 9 -18.98 -18.74 10.44
C ASN A 9 -18.00 -18.27 9.37
N ILE A 10 -17.76 -19.10 8.36
CA ILE A 10 -16.89 -18.69 7.24
C ILE A 10 -17.65 -17.80 6.28
N VAL A 11 -17.06 -16.65 5.93
CA VAL A 11 -17.68 -15.70 5.01
C VAL A 11 -17.04 -15.88 3.63
N VAL A 12 -17.86 -16.08 2.62
CA VAL A 12 -17.38 -16.43 1.27
C VAL A 12 -17.71 -15.29 0.30
N GLY A 13 -16.70 -14.76 -0.41
CA GLY A 13 -16.96 -13.71 -1.37
C GLY A 13 -17.73 -14.23 -2.60
N PRO A 14 -18.35 -13.31 -3.34
CA PRO A 14 -19.17 -13.68 -4.49
C PRO A 14 -18.34 -14.01 -5.71
N LYS A 15 -18.99 -14.49 -6.78
CA LYS A 15 -18.29 -14.71 -8.04
C LYS A 15 -17.90 -13.37 -8.67
N PRO A 16 -16.70 -13.29 -9.25
CA PRO A 16 -16.28 -12.04 -9.90
C PRO A 16 -17.14 -11.78 -11.15
N PHE A 17 -17.42 -10.51 -11.44
CA PHE A 17 -18.13 -10.19 -12.69
C PHE A 17 -17.34 -10.65 -13.91
N TYR A 18 -16.03 -10.38 -13.89
CA TYR A 18 -15.13 -10.80 -14.94
C TYR A 18 -14.26 -11.96 -14.43
N PRO A 19 -14.42 -13.16 -14.97
CA PRO A 19 -13.53 -14.28 -14.62
C PRO A 19 -12.08 -13.92 -14.88
N ILE A 20 -11.19 -14.56 -14.11
CA ILE A 20 -9.77 -14.39 -14.30
C ILE A 20 -9.44 -14.75 -15.76
N GLU A 21 -8.70 -13.87 -16.41
CA GLU A 21 -8.35 -14.08 -17.82
C GLU A 21 -7.24 -15.10 -17.97
N GLU A 22 -7.19 -15.74 -19.12
CA GLU A 22 -6.06 -16.60 -19.46
C GLU A 22 -4.79 -15.77 -19.65
N GLY A 23 -3.65 -16.39 -19.40
CA GLY A 23 -2.37 -15.75 -19.69
C GLY A 23 -1.72 -15.17 -18.44
N SER A 24 -0.45 -14.81 -18.56
CA SER A 24 0.29 -14.30 -17.40
C SER A 24 -0.17 -12.90 -17.05
N ALA A 25 0.37 -12.35 -15.97
CA ALA A 25 0.07 -10.97 -15.63
C ALA A 25 0.68 -10.02 -16.68
N GLY A 26 1.83 -10.42 -17.24
CA GLY A 26 2.45 -9.67 -18.32
C GLY A 26 1.56 -9.68 -19.55
N THR A 27 1.08 -10.85 -19.94
CA THR A 27 0.17 -10.94 -21.10
C THR A 27 -1.07 -10.04 -20.93
N GLN A 28 -1.67 -10.06 -19.73
CA GLN A 28 -2.85 -9.23 -19.51
C GLN A 28 -2.53 -7.73 -19.52
N LEU A 29 -1.45 -7.33 -18.87
CA LEU A 29 -1.04 -5.94 -18.98
C LEU A 29 -0.79 -5.52 -20.44
N ARG A 30 -0.11 -6.36 -21.23
CA ARG A 30 0.15 -6.01 -22.62
C ARG A 30 -1.14 -5.84 -23.41
N LYS A 31 -2.07 -6.77 -23.23
CA LYS A 31 -3.37 -6.70 -23.91
C LYS A 31 -4.07 -5.38 -23.66
N TYR A 32 -4.20 -5.02 -22.38
CA TYR A 32 -4.90 -3.79 -22.03
C TYR A 32 -4.12 -2.54 -22.36
N MET A 33 -2.82 -2.50 -22.04
CA MET A 33 -2.03 -1.33 -22.39
C MET A 33 -2.03 -1.01 -23.87
N GLU A 34 -2.01 -2.06 -24.70
CA GLU A 34 -2.05 -1.91 -26.15
C GLU A 34 -3.35 -1.25 -26.61
N ARG A 35 -4.45 -1.66 -26.00
CA ARG A 35 -5.76 -1.10 -26.32
C ARG A 35 -5.76 0.39 -26.03
N TYR A 36 -5.29 0.76 -24.83
CA TYR A 36 -5.33 2.18 -24.47
C TYR A 36 -4.28 3.01 -25.23
N ALA A 37 -3.18 2.36 -25.62
CA ALA A 37 -2.15 3.03 -26.43
C ALA A 37 -2.75 3.49 -27.75
N LYS A 38 -3.54 2.62 -28.36
CA LYS A 38 -4.12 2.93 -29.67
C LYS A 38 -5.16 4.06 -29.60
N LEU A 39 -5.71 4.30 -28.40
CA LEU A 39 -6.60 5.44 -28.15
C LEU A 39 -5.90 6.76 -27.94
N GLY A 40 -4.60 6.73 -27.68
CA GLY A 40 -3.85 7.92 -27.41
C GLY A 40 -4.03 8.38 -25.99
N ALA A 41 -4.35 7.43 -25.10
CA ALA A 41 -4.58 7.76 -23.68
C ALA A 41 -3.28 7.97 -22.91
N ILE A 42 -3.37 8.74 -21.82
CA ILE A 42 -2.21 9.01 -20.96
C ILE A 42 -2.24 8.01 -19.79
N ALA A 43 -1.10 7.36 -19.57
CA ALA A 43 -0.98 6.36 -18.49
C ALA A 43 -0.52 6.98 -17.17
N PHE A 44 0.54 7.78 -17.21
CA PHE A 44 1.07 8.40 -15.98
C PHE A 44 1.29 9.89 -16.14
N THR A 45 1.01 10.61 -15.06
CA THR A 45 1.23 12.04 -15.02
C THR A 45 1.90 12.38 -13.70
N ASN A 46 2.98 13.16 -13.77
CA ASN A 46 3.59 13.68 -12.55
C ASN A 46 2.82 14.94 -12.19
N ALA A 47 2.07 14.90 -11.07
CA ALA A 47 1.22 16.02 -10.68
C ALA A 47 1.97 17.33 -10.57
N VAL A 48 3.19 17.29 -10.05
CA VAL A 48 3.90 18.53 -9.74
C VAL A 48 4.62 19.13 -10.94
N THR A 49 5.14 18.30 -11.85
CA THR A 49 5.80 18.85 -13.05
C THR A 49 4.90 18.91 -14.25
N GLY A 50 3.83 18.11 -14.24
CA GLY A 50 2.94 17.99 -15.38
C GLY A 50 3.43 17.07 -16.50
N VAL A 51 4.56 16.39 -16.28
CA VAL A 51 5.06 15.48 -17.33
C VAL A 51 4.09 14.31 -17.49
N ASP A 52 3.81 13.94 -18.74
CA ASP A 52 2.95 12.80 -19.08
C ASP A 52 3.74 11.71 -19.77
N TYR A 53 3.34 10.45 -19.50
CA TYR A 53 3.71 9.31 -20.34
C TYR A 53 2.42 8.74 -20.89
N SER A 54 2.34 8.64 -22.22
CA SER A 54 1.19 8.00 -22.84
C SER A 54 1.26 6.50 -22.62
N TYR A 55 0.12 5.83 -22.71
CA TYR A 55 0.13 4.37 -22.72
C TYR A 55 1.03 3.80 -23.82
N ALA A 56 1.02 4.44 -25.00
CA ALA A 56 1.90 4.00 -26.08
C ALA A 56 3.36 4.04 -25.68
N GLU A 57 3.80 5.15 -25.10
CA GLU A 57 5.20 5.33 -24.71
C GLU A 57 5.58 4.35 -23.62
N TYR A 58 4.68 4.19 -22.66
CA TYR A 58 4.97 3.34 -21.50
C TYR A 58 5.07 1.90 -21.92
N LEU A 59 4.13 1.47 -22.78
CA LEU A 59 4.17 0.10 -23.31
C LEU A 59 5.45 -0.13 -24.12
N GLU A 60 5.78 0.80 -25.02
CA GLU A 60 6.96 0.65 -25.86
C GLU A 60 8.20 0.50 -25.00
N LYS A 61 8.37 1.37 -24.01
CA LYS A 61 9.59 1.29 -23.19
C LYS A 61 9.64 -0.01 -22.37
N SER A 62 8.50 -0.46 -21.91
CA SER A 62 8.45 -1.72 -21.15
C SER A 62 8.81 -2.91 -22.04
N CSO A 63 8.26 -2.96 -23.26
CA CSO A 63 8.63 -4.02 -24.22
CB CSO A 63 7.82 -3.86 -25.54
SG CSO A 63 6.05 -4.05 -25.25
C CSO A 63 10.12 -3.98 -24.54
O CSO A 63 10.80 -5.01 -24.50
OD CSO A 63 5.42 -5.63 -25.78
N CSO A 64 10.64 -2.79 -24.82
CA CSO A 64 12.07 -2.61 -25.15
CB CSO A 64 12.35 -1.16 -25.56
SG CSO A 64 11.59 -0.86 -27.19
C CSO A 64 12.97 -3.01 -23.99
O CSO A 64 14.01 -3.64 -24.22
OD CSO A 64 12.61 -1.57 -28.48
N LEU A 65 12.58 -2.66 -22.75
CA LEU A 65 13.37 -3.07 -21.59
C LEU A 65 13.30 -4.58 -21.41
N GLY A 66 12.12 -5.18 -21.67
CA GLY A 66 12.00 -6.65 -21.64
C GLY A 66 13.03 -7.31 -22.54
N LYS A 67 13.12 -6.84 -23.78
CA LYS A 67 14.05 -7.41 -24.76
C LYS A 67 15.48 -7.16 -24.29
N ALA A 68 15.73 -5.97 -23.76
CA ALA A 68 17.08 -5.59 -23.30
C ALA A 68 17.53 -6.54 -22.18
N LEU A 69 16.63 -6.82 -21.24
CA LEU A 69 16.97 -7.71 -20.13
C LEU A 69 17.29 -9.13 -20.59
N GLN A 70 16.59 -9.61 -21.62
CA GLN A 70 16.85 -10.92 -22.19
C GLN A 70 18.22 -10.89 -22.90
N ASN A 71 18.48 -9.86 -23.71
CA ASN A 71 19.76 -9.78 -24.43
C ASN A 71 20.95 -9.66 -23.45
N TYR A 72 20.72 -9.00 -22.31
CA TYR A 72 21.70 -8.90 -21.23
C TYR A 72 22.07 -10.28 -20.65
N GLY A 73 21.10 -11.21 -20.70
CA GLY A 73 21.33 -12.58 -20.29
C GLY A 73 20.45 -13.05 -19.14
N LEU A 74 19.52 -12.23 -18.68
CA LEU A 74 18.61 -12.69 -17.62
C LEU A 74 17.70 -13.77 -18.15
N VAL A 75 17.53 -14.81 -17.34
CA VAL A 75 16.67 -15.93 -17.68
C VAL A 75 15.39 -15.90 -16.84
N VAL A 76 14.40 -16.70 -17.24
CA VAL A 76 13.19 -16.86 -16.46
C VAL A 76 13.58 -17.19 -15.02
N ASP A 77 12.89 -16.52 -14.09
CA ASP A 77 13.14 -16.65 -12.64
C ASP A 77 14.41 -15.95 -12.16
N GLY A 78 15.04 -15.16 -13.04
CA GLY A 78 16.06 -14.22 -12.61
C GLY A 78 15.45 -13.13 -11.74
N ARG A 79 16.27 -12.15 -11.33
CA ARG A 79 15.82 -11.11 -10.40
C ARG A 79 16.38 -9.75 -10.74
N ILE A 80 15.50 -8.75 -10.71
CA ILE A 80 15.91 -7.34 -10.76
C ILE A 80 15.23 -6.62 -9.60
N ALA A 81 15.71 -5.43 -9.29
CA ALA A 81 15.08 -4.61 -8.24
C ALA A 81 14.94 -3.17 -8.70
N LEU A 82 14.09 -2.43 -7.98
CA LEU A 82 14.03 -0.97 -8.05
C LEU A 82 14.40 -0.46 -6.68
N CYS A 83 15.07 0.68 -6.65
CA CYS A 83 15.20 1.44 -5.41
C CYS A 83 14.90 2.88 -5.78
N SER A 84 13.66 3.29 -5.50
CA SER A 84 13.21 4.61 -5.95
C SER A 84 12.01 5.08 -5.13
N GLU A 85 12.01 6.36 -4.84
CA GLU A 85 10.81 7.07 -4.43
C GLU A 85 9.85 7.03 -5.61
N ASN A 86 8.59 7.37 -5.38
CA ASN A 86 7.64 7.41 -6.47
C ASN A 86 8.14 8.35 -7.57
N CYS A 87 8.12 7.85 -8.80
CA CYS A 87 8.41 8.64 -10.00
C CYS A 87 7.63 7.98 -11.13
N GLU A 88 7.37 8.74 -12.19
CA GLU A 88 6.51 8.26 -13.24
C GLU A 88 7.11 7.08 -14.01
N GLU A 89 8.43 6.87 -13.92
CA GLU A 89 9.12 5.75 -14.57
C GLU A 89 9.09 4.45 -13.79
N PHE A 90 8.56 4.49 -12.57
CA PHE A 90 8.70 3.40 -11.61
C PHE A 90 8.25 2.07 -12.20
N PHE A 91 7.14 2.07 -12.92
CA PHE A 91 6.56 0.82 -13.36
C PHE A 91 7.16 0.26 -14.64
N ILE A 92 8.12 0.96 -15.27
CA ILE A 92 8.71 0.39 -16.48
C ILE A 92 9.47 -0.92 -16.18
N PRO A 93 10.37 -0.96 -15.19
CA PRO A 93 11.02 -2.24 -14.87
C PRO A 93 10.05 -3.28 -14.30
N VAL A 94 8.99 -2.84 -13.62
CA VAL A 94 7.99 -3.78 -13.11
C VAL A 94 7.32 -4.51 -14.25
N ILE A 95 6.82 -3.74 -15.21
CA ILE A 95 6.10 -4.30 -16.34
C ILE A 95 7.03 -5.13 -17.24
N ALA A 96 8.25 -4.62 -17.48
CA ALA A 96 9.23 -5.41 -18.26
C ALA A 96 9.46 -6.77 -17.60
N GLY A 97 9.60 -6.79 -16.27
CA GLY A 97 9.87 -8.05 -15.58
C GLY A 97 8.70 -9.00 -15.71
N LEU A 98 7.48 -8.48 -15.58
CA LEU A 98 6.28 -9.30 -15.75
C LEU A 98 6.15 -9.86 -17.16
N PHE A 99 6.62 -9.07 -18.14
CA PHE A 99 6.59 -9.49 -19.53
C PHE A 99 7.53 -10.66 -19.82
N ILE A 100 8.64 -10.77 -19.09
CA ILE A 100 9.68 -11.78 -19.45
C ILE A 100 9.89 -12.88 -18.41
N GLY A 101 9.13 -12.82 -17.32
CA GLY A 101 9.23 -13.81 -16.27
C GLY A 101 10.42 -13.66 -15.36
N VAL A 102 10.89 -12.42 -15.21
CA VAL A 102 12.00 -12.11 -14.30
C VAL A 102 11.39 -11.42 -13.09
N GLY A 103 11.64 -11.98 -11.91
CA GLY A 103 11.04 -11.44 -10.70
C GLY A 103 11.56 -10.05 -10.39
N VAL A 104 10.68 -9.17 -9.90
CA VAL A 104 11.03 -7.78 -9.58
C VAL A 104 10.86 -7.48 -8.09
N ALA A 105 11.91 -6.92 -7.49
CA ALA A 105 11.92 -6.61 -6.07
C ALA A 105 11.89 -5.10 -5.85
N PRO A 106 10.71 -4.51 -5.62
CA PRO A 106 10.65 -3.06 -5.40
C PRO A 106 11.07 -2.64 -3.99
N THR A 107 11.90 -1.60 -3.92
CA THR A 107 12.21 -0.93 -2.65
C THR A 107 12.15 0.57 -2.86
N ASN A 108 12.16 1.32 -1.75
CA ASN A 108 12.03 2.77 -1.78
C ASN A 108 13.35 3.41 -1.34
N GLU A 109 13.69 4.54 -1.96
CA GLU A 109 14.90 5.28 -1.57
C GLU A 109 14.88 5.64 -0.08
N ILE A 110 13.70 5.76 0.50
CA ILE A 110 13.57 6.11 1.91
C ILE A 110 13.92 5.01 2.93
N TYR A 111 14.17 3.78 2.45
CA TYR A 111 14.63 2.72 3.34
C TYR A 111 15.90 3.21 4.00
N THR A 112 16.11 2.83 5.27
CA THR A 112 17.44 3.02 5.85
C THR A 112 18.39 2.06 5.16
N LEU A 113 19.69 2.34 5.27
CA LEU A 113 20.68 1.41 4.75
C LEU A 113 20.61 0.03 5.38
N ARG A 114 20.29 -0.07 6.67
CA ARG A 114 20.14 -1.38 7.31
C ARG A 114 18.98 -2.15 6.67
N GLU A 115 17.88 -1.46 6.41
CA GLU A 115 16.72 -2.07 5.77
C GLU A 115 17.01 -2.48 4.32
N LEU A 116 17.67 -1.60 3.59
CA LEU A 116 17.96 -1.87 2.19
C LEU A 116 19.00 -2.98 2.00
N VAL A 117 20.06 -2.97 2.81
CA VAL A 117 21.04 -4.04 2.72
C VAL A 117 20.38 -5.39 3.04
N HIS A 118 19.46 -5.41 4.00
CA HIS A 118 18.80 -6.67 4.34
C HIS A 118 17.87 -7.12 3.21
N SER A 119 17.09 -6.18 2.72
CA SER A 119 16.06 -6.46 1.72
C SER A 119 16.69 -6.95 0.42
N LEU A 120 17.65 -6.19 -0.10
CA LEU A 120 18.28 -6.64 -1.34
C LEU A 120 19.17 -7.86 -1.16
N GLY A 121 19.64 -8.08 0.07
CA GLY A 121 20.36 -9.29 0.40
C GLY A 121 19.51 -10.54 0.30
N ILE A 122 18.21 -10.38 0.51
CA ILE A 122 17.25 -11.48 0.38
C ILE A 122 16.85 -11.70 -1.07
N SER A 123 16.49 -10.62 -1.77
CA SER A 123 15.98 -10.76 -3.14
C SER A 123 17.06 -11.01 -4.20
N LYS A 124 18.29 -10.59 -3.90
CA LYS A 124 19.44 -10.84 -4.75
C LYS A 124 19.25 -10.43 -6.23
N PRO A 125 18.97 -9.14 -6.45
CA PRO A 125 18.81 -8.66 -7.83
C PRO A 125 20.14 -8.60 -8.59
N THR A 126 20.10 -8.97 -9.87
CA THR A 126 21.28 -8.84 -10.73
C THR A 126 21.49 -7.38 -11.11
N ILE A 127 20.37 -6.70 -11.40
CA ILE A 127 20.37 -5.29 -11.79
C ILE A 127 19.46 -4.53 -10.82
N VAL A 128 19.89 -3.35 -10.38
CA VAL A 128 19.05 -2.45 -9.61
C VAL A 128 18.78 -1.19 -10.42
N PHE A 129 17.48 -0.88 -10.58
CA PHE A 129 17.05 0.37 -11.23
C PHE A 129 16.85 1.38 -10.12
N SER A 130 17.82 2.29 -10.00
CA SER A 130 17.84 3.26 -8.91
C SER A 130 17.41 4.63 -9.39
N SER A 131 16.69 5.38 -8.55
CA SER A 131 16.53 6.81 -8.82
C SER A 131 17.87 7.51 -8.56
N LYS A 132 18.01 8.73 -9.08
CA LYS A 132 19.19 9.55 -8.75
C LYS A 132 19.33 9.68 -7.23
N LYS A 133 18.22 9.94 -6.55
CA LYS A 133 18.21 10.12 -5.11
C LYS A 133 18.64 8.87 -4.34
N GLY A 134 18.26 7.71 -4.85
CA GLY A 134 18.60 6.46 -4.21
C GLY A 134 19.97 5.92 -4.51
N LEU A 135 20.67 6.54 -5.46
CA LEU A 135 21.91 5.97 -5.99
C LEU A 135 22.99 5.70 -4.94
N ASP A 136 23.23 6.66 -4.04
CA ASP A 136 24.28 6.48 -3.04
C ASP A 136 24.00 5.28 -2.16
N LYS A 137 22.73 5.10 -1.80
CA LYS A 137 22.37 3.96 -0.97
C LYS A 137 22.58 2.66 -1.72
N VAL A 138 22.22 2.64 -3.01
CA VAL A 138 22.40 1.43 -3.81
C VAL A 138 23.88 1.08 -3.95
N ILE A 139 24.72 2.08 -4.23
CA ILE A 139 26.16 1.88 -4.29
C ILE A 139 26.69 1.32 -2.98
N THR A 140 26.23 1.85 -1.86
CA THR A 140 26.64 1.34 -0.54
C THR A 140 26.20 -0.10 -0.34
N VAL A 141 24.93 -0.37 -0.67
CA VAL A 141 24.41 -1.73 -0.51
C VAL A 141 25.21 -2.73 -1.36
N GLN A 142 25.60 -2.34 -2.57
CA GLN A 142 26.38 -3.19 -3.46
C GLN A 142 27.74 -3.61 -2.86
N LYS A 143 28.25 -2.81 -1.92
CA LYS A 143 29.49 -3.19 -1.23
C LYS A 143 29.31 -4.45 -0.37
N THR A 144 28.09 -4.70 0.10
CA THR A 144 27.77 -5.89 0.89
C THR A 144 27.15 -6.98 0.03
N VAL A 145 26.15 -6.58 -0.77
CA VAL A 145 25.46 -7.50 -1.67
C VAL A 145 26.20 -7.44 -3.01
N THR A 146 27.37 -8.10 -3.03
CA THR A 146 28.33 -7.92 -4.11
C THR A 146 27.92 -8.60 -5.41
N THR A 147 26.83 -9.36 -5.35
CA THR A 147 26.22 -9.99 -6.53
C THR A 147 25.38 -9.02 -7.39
N ILE A 148 25.15 -7.79 -6.92
CA ILE A 148 24.52 -6.76 -7.75
C ILE A 148 25.53 -6.35 -8.81
N LYS A 149 25.23 -6.72 -10.06
CA LYS A 149 26.17 -6.52 -11.16
C LYS A 149 26.09 -5.13 -11.74
N THR A 150 24.86 -4.60 -11.85
CA THR A 150 24.63 -3.40 -12.66
C THR A 150 23.64 -2.49 -11.97
N ILE A 151 23.89 -1.19 -12.03
CA ILE A 151 22.97 -0.18 -11.51
C ILE A 151 22.59 0.71 -12.68
N VAL A 152 21.29 0.87 -12.89
CA VAL A 152 20.76 1.68 -13.98
C VAL A 152 19.95 2.82 -13.38
N ILE A 153 20.09 4.04 -13.91
CA ILE A 153 19.42 5.22 -13.35
C ILE A 153 18.04 5.38 -13.96
N LEU A 154 17.03 5.23 -13.12
CA LEU A 154 15.65 5.13 -13.57
C LEU A 154 15.08 6.45 -14.09
N ASP A 155 15.41 7.55 -13.41
CA ASP A 155 14.76 8.84 -13.62
C ASP A 155 15.70 9.90 -14.17
N SER A 156 16.50 9.50 -15.15
CA SER A 156 17.35 10.44 -15.87
C SER A 156 17.31 10.11 -17.35
N LYS A 157 17.31 11.14 -18.20
CA LYS A 157 17.34 10.92 -19.64
C LYS A 157 18.75 10.77 -20.19
N VAL A 158 19.73 11.03 -19.33
CA VAL A 158 21.14 10.94 -19.71
C VAL A 158 21.88 10.13 -18.65
N ASP A 159 23.04 9.59 -19.03
CA ASP A 159 23.87 8.88 -18.06
C ASP A 159 24.19 9.81 -16.90
N TYR A 160 24.31 9.22 -15.71
CA TYR A 160 24.35 10.01 -14.49
C TYR A 160 25.38 9.43 -13.55
N ARG A 161 26.35 10.28 -13.16
CA ARG A 161 27.43 9.89 -12.25
C ARG A 161 28.12 8.58 -12.65
N GLY A 162 28.29 8.40 -13.96
CA GLY A 162 29.01 7.27 -14.50
C GLY A 162 28.15 6.03 -14.72
N TYR A 163 26.86 6.12 -14.38
CA TYR A 163 25.93 5.01 -14.57
C TYR A 163 25.03 5.23 -15.78
N GLN A 164 24.71 4.14 -16.48
CA GLN A 164 23.78 4.17 -17.60
C GLN A 164 22.39 4.56 -17.10
N CYS A 165 21.74 5.48 -17.80
CA CYS A 165 20.31 5.70 -17.54
C CYS A 165 19.46 4.61 -18.21
N LEU A 166 18.17 4.58 -17.90
CA LEU A 166 17.28 3.58 -18.50
C LEU A 166 17.33 3.51 -20.04
N ASP A 167 17.27 4.67 -20.67
CA ASP A 167 17.29 4.70 -22.14
C ASP A 167 18.61 4.18 -22.70
N THR A 168 19.73 4.49 -22.02
CA THR A 168 21.03 4.00 -22.46
C THR A 168 21.12 2.48 -22.30
N PHE A 169 20.66 1.98 -21.16
CA PHE A 169 20.67 0.54 -20.95
C PHE A 169 19.90 -0.15 -22.07
N ILE A 170 18.73 0.40 -22.42
CA ILE A 170 17.93 -0.20 -23.48
C ILE A 170 18.69 -0.15 -24.81
N LYS A 171 19.23 1.02 -25.15
CA LYS A 171 19.95 1.20 -26.40
C LYS A 171 21.12 0.23 -26.51
N ARG A 172 21.88 0.06 -25.42
CA ARG A 172 23.09 -0.77 -25.42
C ARG A 172 22.80 -2.26 -25.44
N ASN A 173 21.55 -2.61 -25.17
CA ASN A 173 21.14 -4.02 -25.09
C ASN A 173 20.04 -4.42 -26.08
N THR A 174 19.82 -3.61 -27.12
CA THR A 174 18.90 -3.98 -28.20
C THR A 174 19.54 -3.64 -29.53
N PRO A 175 19.26 -4.41 -30.58
CA PRO A 175 19.80 -4.12 -31.92
C PRO A 175 19.24 -2.81 -32.44
N PRO A 176 20.01 -2.06 -33.22
CA PRO A 176 19.47 -0.85 -33.85
C PRO A 176 18.26 -1.19 -34.71
N GLY A 177 17.24 -0.33 -34.67
CA GLY A 177 16.04 -0.55 -35.42
C GLY A 177 15.10 -1.58 -34.81
N PHE A 178 15.42 -2.10 -33.62
CA PHE A 178 14.58 -3.11 -32.99
C PHE A 178 13.14 -2.64 -32.92
N GLN A 179 12.23 -3.51 -33.34
CA GLN A 179 10.81 -3.18 -33.34
C GLN A 179 10.14 -3.70 -32.07
N ALA A 180 9.73 -2.77 -31.20
CA ALA A 180 9.03 -3.11 -29.96
C ALA A 180 7.79 -3.94 -30.24
N SER A 181 7.06 -3.58 -31.31
CA SER A 181 5.86 -4.31 -31.75
C SER A 181 6.07 -5.81 -31.97
N SER A 182 7.32 -6.21 -32.18
CA SER A 182 7.66 -7.61 -32.41
C SER A 182 7.82 -8.45 -31.14
N PHE A 183 7.98 -7.77 -30.01
CA PHE A 183 8.25 -8.44 -28.75
C PHE A 183 7.09 -9.33 -28.29
N LYS A 184 7.40 -10.52 -27.77
CA LYS A 184 6.36 -11.42 -27.27
C LYS A 184 6.49 -11.57 -25.76
N THR A 185 5.37 -11.45 -25.04
CA THR A 185 5.38 -11.79 -23.61
C THR A 185 5.65 -13.27 -23.42
N VAL A 186 6.31 -13.58 -22.32
CA VAL A 186 6.71 -14.94 -21.99
C VAL A 186 5.65 -15.58 -21.10
N GLU A 187 5.08 -16.71 -21.54
CA GLU A 187 4.14 -17.38 -20.65
C GLU A 187 4.91 -18.20 -19.61
N VAL A 188 4.30 -18.30 -18.44
CA VAL A 188 4.93 -18.88 -17.28
C VAL A 188 3.97 -19.83 -16.61
N ASP A 189 4.47 -20.61 -15.66
CA ASP A 189 3.62 -21.44 -14.82
C ASP A 189 2.97 -20.50 -13.80
N ARG A 190 1.71 -20.16 -14.05
CA ARG A 190 1.08 -19.04 -13.37
C ARG A 190 1.04 -19.14 -11.84
N LYS A 191 0.76 -20.33 -11.31
CA LYS A 191 0.59 -20.50 -9.88
C LYS A 191 1.90 -20.57 -9.12
N GLU A 192 2.99 -20.83 -9.84
CA GLU A 192 4.30 -21.02 -9.22
C GLU A 192 5.31 -19.92 -9.49
N GLN A 193 5.19 -19.27 -10.65
CA GLN A 193 6.20 -18.30 -11.09
C GLN A 193 6.14 -17.01 -10.30
N VAL A 194 7.23 -16.72 -9.60
CA VAL A 194 7.33 -15.49 -8.83
C VAL A 194 7.33 -14.31 -9.79
N ALA A 195 6.51 -13.33 -9.49
CA ALA A 195 6.37 -12.12 -10.27
C ALA A 195 7.06 -10.98 -9.53
N LEU A 196 6.80 -10.90 -8.23
CA LEU A 196 7.29 -9.77 -7.44
C LEU A 196 7.77 -10.29 -6.12
N ILE A 197 8.78 -9.61 -5.59
CA ILE A 197 9.23 -9.85 -4.20
C ILE A 197 9.02 -8.56 -3.46
N MET A 198 8.05 -8.56 -2.55
CA MET A 198 7.64 -7.35 -1.87
C MET A 198 8.07 -7.31 -0.41
N ASN A 199 8.12 -6.11 0.14
CA ASN A 199 8.39 -5.92 1.55
C ASN A 199 7.24 -5.16 2.18
N SER A 200 6.76 -5.67 3.30
CA SER A 200 5.82 -4.97 4.19
C SER A 200 6.43 -3.66 4.69
N SER A 201 5.57 -2.78 5.21
CA SER A 201 6.02 -1.57 5.90
C SER A 201 5.68 -1.72 7.37
N GLY A 202 6.41 -1.00 8.22
CA GLY A 202 6.10 -0.97 9.64
C GLY A 202 6.34 -2.28 10.38
N SER A 203 7.20 -3.13 9.82
CA SER A 203 7.55 -4.38 10.48
C SER A 203 8.41 -4.07 11.71
N THR A 204 8.24 -4.86 12.77
CA THR A 204 9.05 -4.69 13.99
C THR A 204 10.44 -5.32 13.82
N GLY A 205 10.56 -6.23 12.86
CA GLY A 205 11.86 -6.79 12.49
C GLY A 205 12.36 -6.25 11.16
N LEU A 206 13.41 -6.87 10.65
CA LEU A 206 13.95 -6.55 9.33
C LEU A 206 13.00 -7.05 8.25
N PRO A 207 13.06 -6.47 7.04
CA PRO A 207 12.13 -6.85 5.98
C PRO A 207 12.26 -8.32 5.60
N LYS A 208 11.12 -8.98 5.35
CA LYS A 208 11.10 -10.30 4.75
C LYS A 208 10.67 -10.12 3.30
N GLY A 209 11.09 -11.04 2.44
CA GLY A 209 10.73 -10.97 1.04
C GLY A 209 9.48 -11.76 0.80
N VAL A 210 8.43 -11.09 0.34
CA VAL A 210 7.13 -11.75 0.15
C VAL A 210 7.01 -12.12 -1.33
N GLN A 211 6.93 -13.41 -1.61
CA GLN A 211 6.89 -13.86 -3.02
C GLN A 211 5.46 -13.87 -3.53
N LEU A 212 5.18 -13.03 -4.53
CA LEU A 212 3.86 -13.01 -5.15
C LEU A 212 3.98 -13.56 -6.57
N THR A 213 2.96 -14.30 -7.00
CA THR A 213 2.99 -14.99 -8.29
C THR A 213 2.10 -14.30 -9.33
N HIS A 214 2.22 -14.77 -10.56
CA HIS A 214 1.36 -14.30 -11.62
C HIS A 214 -0.11 -14.59 -11.29
N GLU A 215 -0.37 -15.74 -10.68
CA GLU A 215 -1.75 -16.05 -10.31
C GLU A 215 -2.29 -15.03 -9.32
N ASN A 216 -1.47 -14.66 -8.34
CA ASN A 216 -1.88 -13.63 -7.40
C ASN A 216 -2.29 -12.34 -8.13
N ILE A 217 -1.46 -11.95 -9.11
CA ILE A 217 -1.68 -10.68 -9.77
C ILE A 217 -2.90 -10.68 -10.70
N VAL A 218 -3.06 -11.74 -11.48
CA VAL A 218 -4.23 -11.80 -12.37
C VAL A 218 -5.53 -11.88 -11.57
N THR A 219 -5.49 -12.38 -10.33
CA THR A 219 -6.68 -12.30 -9.47
C THR A 219 -6.97 -10.85 -9.12
N ARG A 220 -5.94 -10.11 -8.72
CA ARG A 220 -6.08 -8.69 -8.47
C ARG A 220 -6.66 -7.98 -9.68
N PHE A 221 -6.24 -8.36 -10.87
CA PHE A 221 -6.78 -7.71 -12.09
C PHE A 221 -8.29 -7.91 -12.26
N SER A 222 -8.80 -9.07 -11.86
CA SER A 222 -10.25 -9.26 -11.88
C SER A 222 -10.95 -8.31 -10.89
N HIS A 223 -10.40 -8.18 -9.68
CA HIS A 223 -10.95 -7.26 -8.67
C HIS A 223 -10.93 -5.83 -9.17
N ALA A 224 -9.84 -5.44 -9.82
CA ALA A 224 -9.63 -4.04 -10.14
C ALA A 224 -10.67 -3.51 -11.12
N ARG A 225 -11.10 -4.37 -12.04
CA ARG A 225 -12.09 -4.03 -13.08
C ARG A 225 -13.52 -4.35 -12.63
N ASP A 226 -13.65 -4.92 -11.43
CA ASP A 226 -14.97 -5.39 -10.99
C ASP A 226 -15.92 -4.22 -10.76
N PRO A 227 -17.15 -4.31 -11.26
CA PRO A 227 -18.08 -3.20 -11.08
C PRO A 227 -18.52 -2.97 -9.63
N ILE A 228 -18.39 -4.00 -8.79
CA ILE A 228 -18.74 -3.86 -7.38
C ILE A 228 -17.50 -3.69 -6.52
N TYR A 229 -16.46 -4.47 -6.82
CA TYR A 229 -15.26 -4.48 -5.96
C TYR A 229 -14.06 -3.68 -6.48
N GLY A 230 -14.21 -3.05 -7.64
CA GLY A 230 -13.15 -2.21 -8.19
C GLY A 230 -13.70 -0.96 -8.83
N ASN A 231 -13.20 -0.65 -10.01
CA ASN A 231 -13.59 0.55 -10.74
C ASN A 231 -13.86 0.18 -12.21
N GLN A 232 -14.91 0.72 -12.81
CA GLN A 232 -15.17 0.35 -14.20
C GLN A 232 -14.27 1.07 -15.19
N VAL A 233 -13.89 0.36 -16.24
CA VAL A 233 -13.19 0.99 -17.37
C VAL A 233 -13.99 2.20 -17.90
N SER A 234 -13.31 3.34 -18.01
CA SER A 234 -13.88 4.56 -18.58
C SER A 234 -12.74 5.44 -19.12
N PRO A 235 -12.82 5.81 -20.40
CA PRO A 235 -11.70 6.41 -21.16
C PRO A 235 -10.97 7.59 -20.52
N GLY A 236 -9.63 7.50 -20.44
CA GLY A 236 -8.80 8.57 -19.92
C GLY A 236 -9.19 9.24 -18.59
N THR A 237 -10.09 8.62 -17.83
CA THR A 237 -10.48 9.09 -16.49
C THR A 237 -9.25 9.19 -15.58
N ALA A 238 -9.15 10.25 -14.77
CA ALA A 238 -7.96 10.49 -13.93
C ALA A 238 -8.14 10.08 -12.47
N VAL A 239 -7.13 9.43 -11.89
CA VAL A 239 -7.10 9.03 -10.48
C VAL A 239 -5.87 9.63 -9.80
N LEU A 240 -6.08 10.29 -8.66
CA LEU A 240 -4.95 10.86 -7.93
C LEU A 240 -4.44 9.86 -6.93
N THR A 241 -3.17 9.53 -7.01
CA THR A 241 -2.56 8.59 -6.05
C THR A 241 -1.41 9.21 -5.25
N VAL A 242 -1.40 8.94 -3.94
CA VAL A 242 -0.33 9.44 -3.05
C VAL A 242 0.46 8.31 -2.35
N VAL A 243 0.11 7.07 -2.66
CA VAL A 243 0.63 5.92 -1.92
C VAL A 243 1.98 5.42 -2.50
N PRO A 244 2.90 4.96 -1.67
CA PRO A 244 4.20 4.46 -2.17
C PRO A 244 4.06 3.28 -3.15
N PHE A 245 4.68 3.43 -4.31
CA PHE A 245 4.61 2.43 -5.39
C PHE A 245 5.32 1.14 -5.06
N HIS A 246 6.38 1.19 -4.25
CA HIS A 246 7.18 -0.01 -3.98
C HIS A 246 6.41 -1.00 -3.11
N HIS A 247 5.42 -0.48 -2.39
CA HIS A 247 4.62 -1.26 -1.44
C HIS A 247 3.36 -1.81 -2.12
N GLY A 248 2.86 -2.96 -1.62
CA GLY A 248 1.66 -3.57 -2.19
C GLY A 248 0.46 -2.65 -2.41
N PHE A 249 0.26 -1.72 -1.49
CA PHE A 249 -0.86 -0.80 -1.58
C PHE A 249 -0.73 0.04 -2.89
N GLY A 250 0.42 0.66 -3.10
CA GLY A 250 0.62 1.43 -4.33
C GLY A 250 0.83 0.57 -5.56
N MET A 251 1.46 -0.60 -5.37
CA MET A 251 1.77 -1.48 -6.48
C MET A 251 0.48 -1.95 -7.17
N PHE A 252 -0.43 -2.50 -6.37
CA PHE A 252 -1.60 -3.15 -6.93
C PHE A 252 -2.80 -2.29 -7.21
N THR A 253 -2.88 -1.13 -6.56
CA THR A 253 -3.82 -0.12 -7.04
C THR A 253 -3.35 0.40 -8.37
N THR A 254 -2.06 0.75 -8.48
CA THR A 254 -1.56 1.34 -9.74
C THR A 254 -1.66 0.37 -10.90
N LEU A 255 -1.23 -0.88 -10.73
CA LEU A 255 -1.32 -1.83 -11.85
C LEU A 255 -2.78 -2.05 -12.26
N GLY A 256 -3.68 -2.09 -11.28
CA GLY A 256 -5.12 -2.20 -11.56
C GLY A 256 -5.63 -1.01 -12.37
N TYR A 257 -5.12 0.19 -12.06
CA TYR A 257 -5.54 1.40 -12.78
C TYR A 257 -5.10 1.35 -14.24
N LEU A 258 -3.93 0.73 -14.49
CA LEU A 258 -3.47 0.59 -15.86
C LEU A 258 -4.34 -0.43 -16.61
N ILE A 259 -4.73 -1.52 -15.95
CA ILE A 259 -5.70 -2.45 -16.55
C ILE A 259 -7.00 -1.72 -16.93
N CYS A 260 -7.40 -0.77 -16.08
CA CYS A 260 -8.66 -0.02 -16.28
C CYS A 260 -8.55 1.14 -17.26
N GLY A 261 -7.32 1.45 -17.71
CA GLY A 261 -7.10 2.52 -18.67
C GLY A 261 -7.09 3.93 -18.12
N PHE A 262 -6.93 4.04 -16.81
CA PHE A 262 -6.96 5.33 -16.14
C PHE A 262 -5.70 6.15 -16.36
N ARG A 263 -5.81 7.46 -16.17
CA ARG A 263 -4.63 8.32 -16.12
C ARG A 263 -4.20 8.38 -14.65
N VAL A 264 -3.01 7.84 -14.37
CA VAL A 264 -2.56 7.74 -12.99
C VAL A 264 -1.84 9.07 -12.69
N VAL A 265 -2.47 9.92 -11.89
CA VAL A 265 -1.89 11.22 -11.51
C VAL A 265 -1.15 11.02 -10.18
N MET A 266 0.18 11.00 -10.27
CA MET A 266 1.03 10.65 -9.15
C MET A 266 1.42 11.93 -8.43
N LEU A 267 1.05 12.03 -7.16
CA LEU A 267 1.36 13.20 -6.36
C LEU A 267 2.28 12.84 -5.22
N THR A 268 3.41 13.54 -5.15
CA THR A 268 4.42 13.28 -4.12
C THR A 268 4.56 14.42 -3.09
N LYS A 269 3.82 15.52 -3.31
CA LYS A 269 3.84 16.67 -2.40
C LYS A 269 2.47 16.82 -1.76
N PHE A 270 2.42 16.98 -0.44
CA PHE A 270 1.13 16.91 0.24
C PHE A 270 0.69 18.21 0.91
N ASP A 271 1.33 19.33 0.58
CA ASP A 271 0.81 20.62 1.04
C ASP A 271 -0.59 20.78 0.45
N GLU A 272 -1.45 21.45 1.20
CA GLU A 272 -2.87 21.49 0.88
C GLU A 272 -3.14 22.14 -0.48
N GLU A 273 -2.41 23.20 -0.81
CA GLU A 273 -2.66 23.89 -2.08
C GLU A 273 -2.31 22.99 -3.28
N THR A 274 -1.18 22.29 -3.21
CA THR A 274 -0.81 21.39 -4.32
C THR A 274 -1.80 20.24 -4.47
N PHE A 275 -2.24 19.71 -3.35
CA PHE A 275 -3.18 18.60 -3.33
C PHE A 275 -4.48 19.01 -4.03
N LEU A 276 -5.04 20.15 -3.63
CA LEU A 276 -6.30 20.60 -4.19
C LEU A 276 -6.17 21.09 -5.63
N LYS A 277 -5.05 21.76 -5.93
CA LYS A 277 -4.80 22.20 -7.31
C LYS A 277 -4.70 21.00 -8.22
N THR A 278 -4.08 19.93 -7.73
CA THR A 278 -3.97 18.69 -8.53
C THR A 278 -5.34 18.05 -8.79
N LEU A 279 -6.16 17.93 -7.73
CA LEU A 279 -7.50 17.42 -7.92
C LEU A 279 -8.26 18.17 -8.99
N GLN A 280 -8.17 19.50 -8.93
CA GLN A 280 -8.84 20.38 -9.91
C GLN A 280 -8.26 20.28 -11.32
N ASP A 281 -6.95 20.49 -11.45
CA ASP A 281 -6.32 20.69 -12.75
C ASP A 281 -6.34 19.44 -13.61
N TYR A 282 -6.26 18.27 -12.98
CA TYR A 282 -6.32 17.00 -13.73
C TYR A 282 -7.71 16.36 -13.72
N LYS A 283 -8.69 17.07 -13.18
CA LYS A 283 -10.07 16.63 -13.15
C LYS A 283 -10.18 15.20 -12.57
N CYS A 284 -9.56 15.00 -11.41
CA CYS A 284 -9.50 13.66 -10.83
C CYS A 284 -10.88 13.16 -10.36
N THR A 285 -11.20 11.91 -10.68
CA THR A 285 -12.53 11.36 -10.31
C THR A 285 -12.45 10.55 -9.02
N SER A 286 -11.24 10.09 -8.69
CA SER A 286 -11.00 9.24 -7.55
C SER A 286 -9.69 9.67 -6.92
N VAL A 287 -9.59 9.48 -5.62
CA VAL A 287 -8.32 9.70 -4.96
C VAL A 287 -8.11 8.54 -4.02
N ILE A 288 -6.88 8.07 -4.01
CA ILE A 288 -6.51 7.00 -3.11
C ILE A 288 -5.46 7.54 -2.12
N LEU A 289 -5.81 7.44 -0.83
CA LEU A 289 -5.13 8.10 0.28
C LEU A 289 -4.69 7.11 1.37
N VAL A 290 -3.71 7.54 2.17
CA VAL A 290 -3.45 6.97 3.49
C VAL A 290 -4.21 7.81 4.54
N PRO A 291 -4.61 7.24 5.68
CA PRO A 291 -5.34 8.02 6.70
C PRO A 291 -4.80 9.41 7.09
N THR A 292 -3.49 9.65 7.06
CA THR A 292 -2.97 10.96 7.49
C THR A 292 -3.53 12.16 6.72
N LEU A 293 -3.78 11.98 5.42
CA LEU A 293 -4.17 13.08 4.55
C LEU A 293 -5.65 13.45 4.68
N PHE A 294 -6.42 12.64 5.39
CA PHE A 294 -7.80 12.99 5.63
C PHE A 294 -7.90 14.24 6.50
N ALA A 295 -6.91 14.42 7.37
CA ALA A 295 -6.82 15.57 8.27
C ALA A 295 -6.78 16.86 7.48
N ILE A 296 -6.00 16.86 6.41
CA ILE A 296 -5.89 18.03 5.55
C ILE A 296 -7.25 18.42 4.99
N LEU A 297 -7.97 17.42 4.47
CA LEU A 297 -9.25 17.66 3.81
C LEU A 297 -10.32 18.05 4.83
N ASN A 298 -10.27 17.45 6.01
CA ASN A 298 -11.26 17.77 7.04
C ASN A 298 -11.10 19.20 7.57
N LYS A 299 -9.86 19.69 7.62
CA LYS A 299 -9.58 20.99 8.21
C LYS A 299 -9.46 22.12 7.19
N SER A 300 -9.31 21.78 5.92
CA SER A 300 -9.06 22.80 4.89
C SER A 300 -10.14 23.85 4.85
N GLU A 301 -9.71 25.10 4.70
CA GLU A 301 -10.61 26.23 4.54
C GLU A 301 -10.61 26.70 3.09
N LEU A 302 -10.00 25.90 2.23
CA LEU A 302 -9.77 26.30 0.84
C LEU A 302 -10.58 25.50 -0.17
N LEU A 303 -11.30 24.47 0.29
CA LEU A 303 -12.02 23.59 -0.62
C LEU A 303 -12.82 24.40 -1.63
N ASN A 304 -13.46 25.44 -1.11
CA ASN A 304 -14.31 26.32 -1.87
C ASN A 304 -13.63 27.09 -2.99
N LYS A 305 -12.31 27.22 -2.94
CA LYS A 305 -11.53 27.94 -3.96
C LYS A 305 -11.21 27.10 -5.20
N TYR A 306 -11.53 25.82 -5.14
CA TYR A 306 -11.21 24.90 -6.25
C TYR A 306 -12.44 24.22 -6.81
N ASP A 307 -12.38 23.89 -8.09
CA ASP A 307 -13.41 23.12 -8.72
C ASP A 307 -13.08 21.65 -8.45
N LEU A 308 -13.77 21.10 -7.46
CA LEU A 308 -13.56 19.72 -7.03
C LEU A 308 -14.71 18.84 -7.46
N SER A 309 -15.52 19.34 -8.39
CA SER A 309 -16.74 18.67 -8.84
C SER A 309 -16.54 17.35 -9.57
N ASN A 310 -15.33 17.10 -10.07
CA ASN A 310 -15.04 15.82 -10.74
C ASN A 310 -14.84 14.66 -9.76
N LEU A 311 -14.51 14.98 -8.51
CA LEU A 311 -14.19 13.96 -7.50
C LEU A 311 -15.44 13.27 -6.96
N VAL A 312 -15.58 12.00 -7.28
CA VAL A 312 -16.76 11.22 -6.91
C VAL A 312 -16.45 10.01 -6.00
N GLU A 313 -15.16 9.75 -5.76
CA GLU A 313 -14.76 8.65 -4.90
C GLU A 313 -13.53 9.05 -4.11
N ILE A 314 -13.61 8.86 -2.80
CA ILE A 314 -12.46 9.01 -1.91
C ILE A 314 -12.24 7.66 -1.22
N ALA A 315 -11.05 7.11 -1.43
CA ALA A 315 -10.71 5.80 -0.90
C ALA A 315 -9.53 5.87 0.08
N SER A 316 -9.52 4.95 1.03
CA SER A 316 -8.48 4.85 2.04
C SER A 316 -8.03 3.41 2.17
N GLY A 317 -6.81 3.27 2.65
CA GLY A 317 -6.26 1.95 2.95
C GLY A 317 -4.96 2.08 3.74
N GLY A 318 -4.39 0.92 4.05
CA GLY A 318 -3.07 0.87 4.67
C GLY A 318 -3.03 0.85 6.19
N ALA A 319 -3.95 1.55 6.83
CA ALA A 319 -3.95 1.70 8.28
C ALA A 319 -5.35 2.06 8.74
N PRO A 320 -5.64 1.94 10.03
CA PRO A 320 -6.98 2.33 10.53
C PRO A 320 -7.32 3.79 10.21
N LEU A 321 -8.54 4.00 9.71
CA LEU A 321 -9.07 5.34 9.47
C LEU A 321 -10.13 5.60 10.52
N SER A 322 -10.03 6.72 11.24
CA SER A 322 -11.07 7.16 12.17
C SER A 322 -12.42 7.21 11.45
N LYS A 323 -13.41 6.48 11.96
CA LYS A 323 -14.76 6.48 11.40
C LYS A 323 -15.27 7.90 11.22
N GLU A 324 -15.12 8.70 12.28
CA GLU A 324 -15.70 10.02 12.33
C GLU A 324 -14.98 10.99 11.40
N VAL A 325 -13.66 10.84 11.28
CA VAL A 325 -12.91 11.70 10.36
C VAL A 325 -13.32 11.38 8.91
N GLY A 326 -13.37 10.09 8.59
CA GLY A 326 -13.82 9.65 7.28
C GLY A 326 -15.20 10.19 6.95
N GLU A 327 -16.11 10.14 7.92
CA GLU A 327 -17.51 10.55 7.70
C GLU A 327 -17.60 12.07 7.46
N ALA A 328 -16.79 12.82 8.19
CA ALA A 328 -16.73 14.26 8.03
C ALA A 328 -16.21 14.60 6.62
N VAL A 329 -15.13 13.93 6.19
CA VAL A 329 -14.59 14.22 4.85
C VAL A 329 -15.59 13.82 3.76
N ALA A 330 -16.21 12.64 3.88
CA ALA A 330 -17.22 12.25 2.90
C ALA A 330 -18.33 13.31 2.83
N ARG A 331 -18.74 13.83 3.98
CA ARG A 331 -19.78 14.87 4.01
C ARG A 331 -19.35 16.14 3.28
N ARG A 332 -18.12 16.58 3.52
CA ARG A 332 -17.63 17.81 2.88
C ARG A 332 -17.73 17.69 1.36
N PHE A 333 -17.47 16.50 0.85
CA PHE A 333 -17.48 16.26 -0.59
C PHE A 333 -18.80 15.74 -1.11
N ASN A 334 -19.81 15.71 -0.23
CA ASN A 334 -21.15 15.26 -0.58
C ASN A 334 -21.16 13.85 -1.20
N LEU A 335 -20.30 12.98 -0.65
CA LEU A 335 -20.24 11.57 -1.03
C LEU A 335 -20.89 10.70 0.04
N PRO A 336 -21.48 9.57 -0.34
CA PRO A 336 -22.08 8.65 0.63
C PRO A 336 -21.11 8.22 1.74
N GLY A 337 -19.91 7.77 1.37
CA GLY A 337 -18.88 7.40 2.32
C GLY A 337 -17.50 7.28 1.72
N VAL A 338 -16.52 6.98 2.55
CA VAL A 338 -15.15 6.69 2.08
C VAL A 338 -15.08 5.22 1.66
N ARG A 339 -14.55 4.98 0.47
CA ARG A 339 -14.30 3.61 0.00
C ARG A 339 -13.07 3.10 0.74
N GLN A 340 -13.13 1.88 1.23
CA GLN A 340 -11.97 1.36 1.97
C GLN A 340 -11.54 0.01 1.41
N GLY A 341 -10.27 -0.29 1.62
CA GLY A 341 -9.71 -1.60 1.30
C GLY A 341 -8.78 -2.00 2.43
N TYR A 342 -8.79 -3.30 2.73
CA TYR A 342 -7.95 -3.88 3.77
C TYR A 342 -7.29 -5.11 3.21
N GLY A 343 -5.97 -5.15 3.34
CA GLY A 343 -5.20 -6.32 2.93
C GLY A 343 -3.82 -6.24 3.54
N LEU A 344 -3.01 -7.24 3.20
CA LEU A 344 -1.63 -7.34 3.69
C LEU A 344 -0.72 -7.55 2.49
N THR A 345 0.57 -7.24 2.64
CA THR A 345 1.52 -7.55 1.56
C THR A 345 1.40 -9.04 1.18
N GLU A 346 1.24 -9.89 2.18
CA GLU A 346 1.15 -11.34 1.99
C GLU A 346 -0.16 -11.82 1.35
N THR A 347 -1.15 -10.93 1.20
CA THR A 347 -2.37 -11.28 0.44
C THR A 347 -2.44 -10.54 -0.88
N THR A 348 -1.28 -10.03 -1.35
CA THR A 348 -1.14 -9.25 -2.61
C THR A 348 -1.74 -7.88 -2.48
N SER A 349 -3.06 -7.82 -2.36
CA SER A 349 -3.78 -6.57 -2.33
C SER A 349 -4.92 -6.66 -1.32
N ALA A 350 -5.91 -5.78 -1.46
CA ALA A 350 -7.03 -5.77 -0.53
C ALA A 350 -7.87 -7.04 -0.67
N ILE A 351 -8.19 -7.70 0.44
CA ILE A 351 -9.08 -8.85 0.40
C ILE A 351 -10.44 -8.57 1.03
N ILE A 352 -10.58 -7.38 1.61
CA ILE A 352 -11.87 -6.86 2.07
C ILE A 352 -11.97 -5.45 1.48
N ILE A 353 -13.06 -5.18 0.74
CA ILE A 353 -13.21 -3.91 0.02
C ILE A 353 -14.66 -3.47 0.14
N THR A 354 -14.87 -2.18 0.36
CA THR A 354 -16.23 -1.61 0.32
C THR A 354 -16.88 -1.85 -1.06
N PRO A 355 -17.97 -2.60 -1.11
CA PRO A 355 -18.63 -2.82 -2.40
C PRO A 355 -19.37 -1.55 -2.84
N GLU A 356 -19.35 -1.25 -4.15
CA GLU A 356 -20.14 -0.12 -4.68
C GLU A 356 -21.63 -0.30 -4.32
N GLY A 357 -22.23 0.73 -3.73
CA GLY A 357 -23.63 0.68 -3.30
C GLY A 357 -23.91 -0.12 -2.03
N ASP A 358 -22.88 -0.27 -1.19
CA ASP A 358 -22.97 -1.13 -0.01
C ASP A 358 -22.03 -0.59 1.09
N ASP A 359 -22.01 0.72 1.25
CA ASP A 359 -21.38 1.38 2.39
C ASP A 359 -22.10 1.01 3.69
N LYS A 360 -21.33 0.83 4.77
CA LYS A 360 -21.89 0.66 6.10
C LYS A 360 -21.00 1.49 6.98
N PRO A 361 -21.56 2.34 7.85
CA PRO A 361 -20.73 3.21 8.70
C PRO A 361 -19.66 2.42 9.46
N GLY A 362 -18.39 2.82 9.29
CA GLY A 362 -17.26 2.26 10.00
C GLY A 362 -16.62 1.02 9.39
N ALA A 363 -17.31 0.40 8.44
CA ALA A 363 -16.85 -0.88 7.87
C ALA A 363 -15.67 -0.75 6.90
N SER A 364 -14.79 -1.75 6.92
CA SER A 364 -13.70 -1.84 5.97
C SER A 364 -14.18 -2.45 4.64
N GLY A 365 -15.34 -3.10 4.68
CA GLY A 365 -15.97 -3.64 3.48
C GLY A 365 -16.39 -5.09 3.57
N LYS A 366 -16.45 -5.76 2.42
CA LYS A 366 -16.85 -7.16 2.32
C LYS A 366 -15.75 -8.00 1.68
N VAL A 367 -15.80 -9.31 1.92
CA VAL A 367 -14.81 -10.24 1.37
C VAL A 367 -14.83 -10.21 -0.15
N VAL A 368 -13.65 -10.05 -0.76
CA VAL A 368 -13.58 -9.94 -2.22
C VAL A 368 -13.90 -11.25 -2.95
N PRO A 369 -14.30 -11.16 -4.22
CA PRO A 369 -14.52 -12.39 -5.00
C PRO A 369 -13.36 -13.37 -4.95
N LEU A 370 -13.72 -14.66 -4.82
CA LEU A 370 -12.78 -15.80 -4.79
C LEU A 370 -12.10 -15.97 -3.44
N PHE A 371 -12.38 -15.08 -2.49
CA PHE A 371 -11.80 -15.20 -1.14
C PHE A 371 -12.80 -15.74 -0.13
N LYS A 372 -12.26 -16.25 0.98
CA LYS A 372 -13.05 -16.54 2.19
C LYS A 372 -12.36 -15.90 3.37
N ALA A 373 -13.13 -15.57 4.40
CA ALA A 373 -12.58 -14.98 5.61
C ALA A 373 -13.29 -15.55 6.82
N LYS A 374 -12.60 -15.57 7.95
CA LYS A 374 -13.21 -15.91 9.23
C LYS A 374 -12.57 -15.07 10.32
N VAL A 375 -13.18 -15.09 11.51
CA VAL A 375 -12.62 -14.41 12.68
C VAL A 375 -12.47 -15.48 13.74
N ILE A 376 -11.29 -15.61 14.32
CA ILE A 376 -11.05 -16.72 15.25
C ILE A 376 -10.82 -16.21 16.67
N ASP A 377 -11.24 -17.04 17.63
CA ASP A 377 -10.97 -16.79 19.05
C ASP A 377 -9.47 -16.71 19.28
N LEU A 378 -9.03 -15.68 20.02
CA LEU A 378 -7.60 -15.47 20.23
C LEU A 378 -6.88 -16.62 20.93
N ASP A 379 -7.61 -17.39 21.74
CA ASP A 379 -7.00 -18.50 22.48
C ASP A 379 -7.26 -19.87 21.85
N THR A 380 -8.52 -20.15 21.52
CA THR A 380 -8.89 -21.48 21.02
C THR A 380 -8.63 -21.65 19.53
N LYS A 381 -8.57 -20.53 18.80
CA LYS A 381 -8.41 -20.51 17.33
C LYS A 381 -9.65 -21.02 16.57
N LYS A 382 -10.76 -21.18 17.29
CA LYS A 382 -12.00 -21.59 16.65
C LYS A 382 -12.74 -20.39 16.06
N SER A 383 -13.52 -20.64 15.02
CA SER A 383 -14.24 -19.57 14.32
C SER A 383 -15.35 -19.00 15.17
N LEU A 384 -15.63 -17.71 14.94
CA LEU A 384 -16.62 -16.96 15.68
C LEU A 384 -17.77 -16.47 14.82
N GLY A 385 -18.93 -16.25 15.45
CA GLY A 385 -20.06 -15.66 14.78
C GLY A 385 -19.89 -14.15 14.62
N PRO A 386 -20.92 -13.48 14.13
CA PRO A 386 -20.90 -12.02 14.00
C PRO A 386 -20.81 -11.28 15.32
N ASN A 387 -20.27 -10.07 15.25
CA ASN A 387 -20.17 -9.15 16.37
C ASN A 387 -19.38 -9.74 17.53
N ARG A 388 -18.33 -10.48 17.17
CA ARG A 388 -17.42 -11.09 18.11
C ARG A 388 -15.99 -10.82 17.64
N ARG A 389 -15.22 -10.13 18.48
CA ARG A 389 -13.88 -9.72 18.11
C ARG A 389 -12.91 -10.87 18.22
N GLY A 390 -12.01 -10.97 17.24
CA GLY A 390 -11.00 -12.01 17.25
C GLY A 390 -10.03 -11.76 16.12
N GLU A 391 -9.23 -12.75 15.77
CA GLU A 391 -8.24 -12.55 14.72
C GLU A 391 -8.81 -12.85 13.34
N VAL A 392 -8.65 -11.89 12.42
CA VAL A 392 -9.11 -12.13 11.04
C VAL A 392 -8.17 -13.11 10.32
N CYS A 393 -8.76 -14.11 9.66
CA CYS A 393 -8.01 -15.07 8.83
C CYS A 393 -8.61 -15.12 7.46
N VAL A 394 -7.78 -15.30 6.42
CA VAL A 394 -8.28 -15.30 5.04
C VAL A 394 -7.66 -16.41 4.21
N LYS A 395 -8.35 -16.75 3.13
CA LYS A 395 -7.90 -17.84 2.27
C LYS A 395 -8.36 -17.54 0.86
N GLY A 396 -7.49 -17.71 -0.12
CA GLY A 396 -7.85 -17.42 -1.51
C GLY A 396 -6.63 -17.24 -2.38
N PRO A 397 -6.84 -17.04 -3.68
CA PRO A 397 -5.74 -17.13 -4.67
C PRO A 397 -4.79 -15.95 -4.75
N MET A 398 -4.92 -15.00 -3.82
CA MET A 398 -3.95 -13.93 -3.69
C MET A 398 -3.00 -14.18 -2.53
N LEU A 399 -3.13 -15.33 -1.85
CA LEU A 399 -2.14 -15.64 -0.80
C LEU A 399 -0.77 -15.81 -1.44
N MET A 400 0.24 -15.21 -0.81
CA MET A 400 1.61 -15.32 -1.32
C MET A 400 2.06 -16.78 -1.43
N LYS A 401 3.08 -16.99 -2.25
CA LYS A 401 3.74 -18.29 -2.35
C LYS A 401 4.49 -18.63 -1.05
N GLY A 402 5.00 -17.60 -0.36
CA GLY A 402 5.75 -17.78 0.88
C GLY A 402 6.86 -16.73 0.98
N TYR A 403 7.48 -16.61 2.15
CA TYR A 403 8.62 -15.73 2.27
C TYR A 403 9.84 -16.34 1.58
N VAL A 404 10.72 -15.48 1.07
CA VAL A 404 11.97 -15.96 0.48
C VAL A 404 12.84 -16.55 1.57
N ASN A 405 13.24 -17.81 1.40
CA ASN A 405 14.22 -18.42 2.30
C ASN A 405 13.87 -18.21 3.78
N ASN A 406 12.60 -18.41 4.12
CA ASN A 406 12.17 -18.28 5.51
C ASN A 406 10.96 -19.17 5.79
N PRO A 407 11.17 -20.48 5.69
CA PRO A 407 10.07 -21.43 5.85
C PRO A 407 9.40 -21.36 7.23
N GLU A 408 10.15 -21.01 8.28
CA GLU A 408 9.57 -20.86 9.62
C GLU A 408 8.55 -19.74 9.69
N ALA A 409 8.90 -18.59 9.11
CA ALA A 409 7.99 -17.45 9.09
C ALA A 409 6.73 -17.77 8.26
N THR A 410 6.91 -18.47 7.15
CA THR A 410 5.76 -18.86 6.33
C THR A 410 4.80 -19.75 7.12
N LYS A 411 5.36 -20.71 7.86
CA LYS A 411 4.56 -21.65 8.62
C LYS A 411 3.81 -20.97 9.77
N GLU A 412 4.41 -19.94 10.34
CA GLU A 412 3.78 -19.19 11.43
C GLU A 412 2.58 -18.40 10.90
N LEU A 413 2.67 -17.92 9.65
CA LEU A 413 1.62 -17.06 9.08
C LEU A 413 0.47 -17.84 8.47
N ILE A 414 0.79 -18.91 7.75
CA ILE A 414 -0.24 -19.66 7.05
C ILE A 414 -0.33 -21.05 7.66
N ASP A 415 -1.49 -21.39 8.22
CA ASP A 415 -1.62 -22.61 9.00
C ASP A 415 -1.78 -23.89 8.18
N GLU A 416 -1.87 -25.00 8.91
CA GLU A 416 -1.90 -26.33 8.31
C GLU A 416 -3.16 -26.60 7.49
N GLU A 417 -4.15 -25.70 7.63
CA GLU A 417 -5.38 -25.78 6.85
C GLU A 417 -5.42 -24.74 5.73
N GLY A 418 -4.29 -24.07 5.51
CA GLY A 418 -4.19 -23.09 4.44
C GLY A 418 -4.73 -21.71 4.74
N TRP A 419 -5.12 -21.43 6.00
CA TRP A 419 -5.61 -20.08 6.37
C TRP A 419 -4.47 -19.17 6.74
N LEU A 420 -4.48 -17.96 6.18
CA LEU A 420 -3.51 -16.93 6.58
C LEU A 420 -4.02 -16.18 7.80
N HIS A 421 -3.23 -16.20 8.87
CA HIS A 421 -3.57 -15.47 10.10
C HIS A 421 -3.01 -14.06 9.98
N THR A 422 -3.90 -13.06 9.91
CA THR A 422 -3.45 -11.70 9.56
C THR A 422 -2.72 -10.96 10.67
N GLY A 423 -2.93 -11.38 11.92
CA GLY A 423 -2.41 -10.62 13.03
C GLY A 423 -3.26 -9.41 13.39
N ASP A 424 -4.42 -9.28 12.76
CA ASP A 424 -5.33 -8.15 13.01
C ASP A 424 -6.57 -8.57 13.75
N ILE A 425 -6.99 -7.72 14.68
CA ILE A 425 -8.25 -7.89 15.36
C ILE A 425 -9.36 -7.24 14.57
N GLY A 426 -10.47 -7.95 14.46
CA GLY A 426 -11.66 -7.37 13.86
C GLY A 426 -12.87 -8.24 14.14
N TYR A 427 -13.97 -7.90 13.48
CA TYR A 427 -15.21 -8.67 13.56
C TYR A 427 -16.03 -8.41 12.31
N TYR A 428 -17.05 -9.23 12.08
CA TYR A 428 -18.00 -8.96 11.00
C TYR A 428 -19.39 -8.83 11.59
N ASP A 429 -20.24 -8.03 10.95
CA ASP A 429 -21.60 -7.84 11.46
C ASP A 429 -22.59 -8.80 10.79
N GLU A 430 -23.87 -8.69 11.14
CA GLU A 430 -24.87 -9.63 10.63
C GLU A 430 -24.98 -9.66 9.12
N GLU A 431 -24.68 -8.53 8.48
CA GLU A 431 -24.77 -8.42 7.03
C GLU A 431 -23.44 -8.77 6.34
N LYS A 432 -22.47 -9.20 7.15
CA LYS A 432 -21.14 -9.67 6.70
C LYS A 432 -20.16 -8.53 6.37
N HIS A 433 -20.46 -7.31 6.81
CA HIS A 433 -19.47 -6.25 6.69
C HIS A 433 -18.38 -6.47 7.72
N PHE A 434 -17.13 -6.38 7.30
CA PHE A 434 -16.01 -6.55 8.22
C PHE A 434 -15.52 -5.22 8.76
N PHE A 435 -15.13 -5.24 10.03
CA PHE A 435 -14.53 -4.08 10.68
C PHE A 435 -13.15 -4.45 11.21
N ILE A 436 -12.11 -3.73 10.79
CA ILE A 436 -10.74 -3.96 11.26
C ILE A 436 -10.38 -2.94 12.32
N VAL A 437 -10.06 -3.44 13.51
CA VAL A 437 -9.84 -2.60 14.68
C VAL A 437 -8.39 -2.11 14.80
N ASP A 438 -7.45 -3.04 14.84
CA ASP A 438 -6.03 -2.72 15.00
C ASP A 438 -5.24 -4.01 14.92
N ARG A 439 -3.92 -3.88 15.02
CA ARG A 439 -3.05 -5.04 15.08
C ARG A 439 -3.06 -5.68 16.47
N LEU A 440 -3.14 -7.01 16.52
CA LEU A 440 -3.07 -7.73 17.80
C LEU A 440 -1.84 -7.32 18.63
N LYS A 441 -0.69 -7.19 17.97
CA LYS A 441 0.57 -6.90 18.67
C LYS A 441 0.59 -5.49 19.22
N SER A 442 -0.33 -4.64 18.74
CA SER A 442 -0.46 -3.28 19.23
C SER A 442 -1.35 -3.09 20.45
N LEU A 443 -2.17 -4.08 20.76
CA LEU A 443 -3.12 -3.92 21.86
C LEU A 443 -2.39 -3.65 23.16
N ILE A 444 -2.94 -2.70 23.93
CA ILE A 444 -2.30 -2.27 25.18
C ILE A 444 -2.92 -3.04 26.35
N LYS A 445 -2.05 -3.74 27.07
CA LYS A 445 -2.51 -4.67 28.12
C LYS A 445 -2.57 -3.96 29.46
N TYR A 446 -3.63 -3.20 29.63
CA TYR A 446 -3.92 -2.45 30.85
C TYR A 446 -4.76 -3.37 31.74
N LYS A 447 -4.19 -3.82 32.85
CA LYS A 447 -4.86 -4.83 33.70
C LYS A 447 -5.32 -5.98 32.81
N GLY A 448 -6.59 -6.37 32.89
CA GLY A 448 -7.12 -7.44 32.04
C GLY A 448 -7.70 -6.97 30.72
N TYR A 449 -7.56 -5.68 30.42
CA TYR A 449 -8.13 -5.09 29.19
C TYR A 449 -7.13 -5.22 28.05
N GLN A 450 -7.63 -5.16 26.82
CA GLN A 450 -6.79 -5.13 25.64
C GLN A 450 -7.21 -3.92 24.81
N VAL A 451 -6.55 -2.79 25.06
CA VAL A 451 -6.98 -1.50 24.53
C VAL A 451 -6.37 -1.26 23.15
N PRO A 452 -7.19 -1.09 22.12
CA PRO A 452 -6.64 -0.83 20.78
C PRO A 452 -6.18 0.63 20.64
N PRO A 453 -4.91 0.88 20.33
CA PRO A 453 -4.44 2.25 20.12
C PRO A 453 -5.27 3.01 19.08
N ALA A 454 -5.74 2.35 18.03
CA ALA A 454 -6.50 3.06 17.01
C ALA A 454 -7.77 3.70 17.53
N GLU A 455 -8.35 3.13 18.59
CA GLU A 455 -9.57 3.69 19.15
C GLU A 455 -9.26 5.01 19.85
N LEU A 456 -8.11 5.06 20.52
CA LEU A 456 -7.68 6.28 21.20
C LEU A 456 -7.15 7.32 20.20
N GLU A 457 -6.43 6.86 19.20
CA GLU A 457 -5.94 7.74 18.14
C GLU A 457 -7.11 8.45 17.47
N SER A 458 -8.21 7.72 17.25
CA SER A 458 -9.39 8.32 16.61
C SER A 458 -9.97 9.44 17.44
N VAL A 459 -10.05 9.24 18.75
CA VAL A 459 -10.54 10.30 19.65
C VAL A 459 -9.62 11.52 19.56
N LEU A 460 -8.32 11.29 19.61
CA LEU A 460 -7.35 12.38 19.54
C LEU A 460 -7.45 13.15 18.22
N LEU A 461 -7.56 12.44 17.10
CA LEU A 461 -7.63 13.07 15.77
C LEU A 461 -8.91 13.86 15.52
N GLN A 462 -9.90 13.67 16.38
CA GLN A 462 -11.14 14.42 16.28
C GLN A 462 -11.04 15.78 16.96
N HIS A 463 -10.00 15.99 17.75
CA HIS A 463 -9.84 17.27 18.42
C HIS A 463 -9.30 18.34 17.46
N PRO A 464 -9.97 19.50 17.37
CA PRO A 464 -9.56 20.50 16.38
C PRO A 464 -8.15 21.11 16.59
N SER A 465 -7.55 20.95 17.77
CA SER A 465 -6.18 21.46 18.03
C SER A 465 -5.10 20.42 17.81
N ILE A 466 -5.50 19.19 17.47
CA ILE A 466 -4.55 18.09 17.27
C ILE A 466 -4.41 17.76 15.79
N PHE A 467 -3.19 17.84 15.28
CA PHE A 467 -2.94 17.50 13.89
C PHE A 467 -2.74 16.00 13.65
N ASP A 468 -1.99 15.36 14.54
CA ASP A 468 -1.65 13.94 14.41
C ASP A 468 -1.41 13.35 15.80
N ALA A 469 -1.54 12.03 15.91
CA ALA A 469 -1.35 11.38 17.20
C ALA A 469 -1.03 9.94 16.99
N GLY A 470 -0.30 9.36 17.95
CA GLY A 470 -0.06 7.93 17.97
C GLY A 470 -0.07 7.46 19.41
N VAL A 471 -0.57 6.25 19.62
CA VAL A 471 -0.77 5.73 20.97
C VAL A 471 -0.01 4.41 21.12
N ALA A 472 0.62 4.25 22.29
CA ALA A 472 1.27 2.99 22.66
C ALA A 472 1.25 2.80 24.16
N GLY A 473 1.73 1.64 24.61
CA GLY A 473 1.66 1.28 26.02
C GLY A 473 2.96 1.56 26.77
N VAL A 474 2.85 2.15 27.96
CA VAL A 474 4.01 2.47 28.81
C VAL A 474 4.06 1.37 29.89
N PRO A 475 5.20 0.70 30.09
CA PRO A 475 5.27 -0.35 31.11
C PRO A 475 4.91 0.17 32.49
N ASP A 476 4.20 -0.64 33.26
CA ASP A 476 3.77 -0.24 34.59
C ASP A 476 3.75 -1.46 35.50
N PRO A 477 4.48 -1.41 36.63
CA PRO A 477 4.52 -2.56 37.56
C PRO A 477 3.16 -3.11 38.00
N VAL A 478 2.16 -2.25 38.23
CA VAL A 478 0.86 -2.69 38.77
C VAL A 478 -0.09 -3.12 37.66
N ALA A 479 -0.19 -2.31 36.63
CA ALA A 479 -1.21 -2.53 35.61
C ALA A 479 -0.69 -3.20 34.32
N GLY A 480 0.62 -3.43 34.25
CA GLY A 480 1.21 -4.07 33.07
C GLY A 480 1.62 -3.02 32.04
N GLU A 481 0.64 -2.40 31.40
CA GLU A 481 0.87 -1.32 30.45
C GLU A 481 -0.15 -0.22 30.63
N LEU A 482 0.28 1.03 30.47
CA LEU A 482 -0.61 2.20 30.50
C LEU A 482 -0.68 2.86 29.13
N PRO A 483 -1.88 3.14 28.62
CA PRO A 483 -1.97 3.87 27.34
C PRO A 483 -1.35 5.28 27.44
N GLY A 484 -0.47 5.59 26.50
CA GLY A 484 0.15 6.91 26.43
C GLY A 484 0.07 7.40 24.99
N ALA A 485 0.26 8.70 24.79
CA ALA A 485 0.10 9.26 23.46
C ALA A 485 1.21 10.23 23.11
N VAL A 486 1.59 10.24 21.84
CA VAL A 486 2.38 11.34 21.29
C VAL A 486 1.48 12.15 20.36
N VAL A 487 1.53 13.46 20.53
CA VAL A 487 0.60 14.38 19.85
C VAL A 487 1.41 15.43 19.08
N VAL A 488 1.00 15.69 17.84
CA VAL A 488 1.49 16.86 17.09
C VAL A 488 0.34 17.87 17.11
N LEU A 489 0.58 19.03 17.71
CA LEU A 489 -0.44 20.07 17.81
C LEU A 489 -0.56 20.82 16.49
N GLU A 490 -1.78 21.25 16.15
CA GLU A 490 -1.99 22.13 15.00
C GLU A 490 -1.21 23.43 15.21
N SER A 491 -0.65 23.96 14.13
CA SER A 491 0.13 25.20 14.19
C SER A 491 -0.69 26.33 14.83
N GLY A 492 -0.10 27.00 15.81
CA GLY A 492 -0.75 28.09 16.52
C GLY A 492 -1.65 27.71 17.67
N LYS A 493 -1.97 26.41 17.78
CA LYS A 493 -2.81 25.90 18.86
C LYS A 493 -1.93 25.26 19.94
N ASN A 494 -2.39 25.30 21.19
CA ASN A 494 -1.71 24.61 22.30
C ASN A 494 -2.68 23.83 23.18
N MET A 495 -2.23 22.66 23.64
CA MET A 495 -2.88 21.93 24.73
C MET A 495 -1.79 21.49 25.70
N THR A 496 -2.07 21.52 27.00
CA THR A 496 -1.19 20.89 27.97
C THR A 496 -1.46 19.39 27.94
N GLU A 497 -0.59 18.62 28.60
CA GLU A 497 -0.79 17.19 28.79
C GLU A 497 -2.11 16.93 29.52
N LYS A 498 -2.37 17.72 30.57
CA LYS A 498 -3.62 17.59 31.31
C LYS A 498 -4.82 17.86 30.41
N GLU A 499 -4.75 18.87 29.54
CA GLU A 499 -5.87 19.17 28.64
C GLU A 499 -6.19 17.99 27.70
N VAL A 500 -5.15 17.35 27.19
CA VAL A 500 -5.32 16.21 26.30
C VAL A 500 -5.90 15.03 27.08
N MET A 501 -5.31 14.73 28.24
CA MET A 501 -5.80 13.65 29.08
C MET A 501 -7.25 13.83 29.47
N ASP A 502 -7.63 15.05 29.89
CA ASP A 502 -9.00 15.31 30.32
C ASP A 502 -9.98 15.22 29.15
N TYR A 503 -9.58 15.73 28.00
CA TYR A 503 -10.37 15.60 26.78
C TYR A 503 -10.65 14.11 26.49
N VAL A 504 -9.61 13.29 26.50
CA VAL A 504 -9.76 11.86 26.19
C VAL A 504 -10.64 11.18 27.24
N ALA A 505 -10.39 11.47 28.51
CA ALA A 505 -11.16 10.89 29.60
C ALA A 505 -12.66 11.19 29.49
N SER A 506 -12.99 12.32 28.86
CA SER A 506 -14.39 12.73 28.66
C SER A 506 -15.10 11.94 27.55
N GLN A 507 -14.30 11.26 26.72
CA GLN A 507 -14.80 10.59 25.52
C GLN A 507 -14.68 9.06 25.57
N VAL A 508 -13.99 8.52 26.57
CA VAL A 508 -13.68 7.09 26.62
C VAL A 508 -13.94 6.45 27.98
N SER A 509 -14.00 5.12 27.98
CA SER A 509 -14.11 4.32 29.20
C SER A 509 -12.91 4.55 30.12
N ASN A 510 -13.05 4.17 31.38
CA ASN A 510 -11.97 4.28 32.35
C ASN A 510 -10.69 3.56 31.89
N ALA A 511 -10.84 2.34 31.39
CA ALA A 511 -9.69 1.54 30.94
C ALA A 511 -8.84 2.24 29.89
N LYS A 512 -9.49 3.09 29.10
CA LYS A 512 -8.84 3.69 27.95
C LYS A 512 -8.16 5.03 28.25
N ARG A 513 -8.21 5.49 29.49
CA ARG A 513 -7.56 6.76 29.85
C ARG A 513 -6.05 6.73 29.56
N LEU A 514 -5.51 7.89 29.18
CA LEU A 514 -4.09 8.02 28.85
C LEU A 514 -3.23 8.15 30.12
N ARG A 515 -3.27 7.11 30.95
CA ARG A 515 -2.55 7.07 32.22
C ARG A 515 -1.03 7.09 32.01
N GLY A 516 -0.59 6.76 30.80
CA GLY A 516 0.82 6.74 30.43
C GLY A 516 1.34 8.10 29.99
N GLY A 517 0.46 9.10 29.97
CA GLY A 517 0.84 10.47 29.73
C GLY A 517 0.80 10.88 28.28
N VAL A 518 1.12 12.15 28.03
CA VAL A 518 1.11 12.70 26.69
C VAL A 518 2.41 13.44 26.45
N ARG A 519 3.04 13.17 25.31
CA ARG A 519 4.23 13.91 24.88
C ARG A 519 3.93 14.63 23.59
N PHE A 520 4.48 15.84 23.47
CA PHE A 520 4.26 16.64 22.28
C PHE A 520 5.49 16.60 21.39
N VAL A 521 5.27 16.37 20.10
CA VAL A 521 6.34 16.19 19.12
C VAL A 521 6.01 16.87 17.79
N ASP A 522 7.02 17.02 16.92
CA ASP A 522 6.79 17.54 15.57
C ASP A 522 6.24 16.53 14.58
N GLU A 523 6.51 15.24 14.82
CA GLU A 523 6.12 14.17 13.92
C GLU A 523 5.81 12.89 14.70
N VAL A 524 4.68 12.28 14.38
CA VAL A 524 4.34 10.96 14.94
C VAL A 524 5.10 9.92 14.13
N PRO A 525 5.89 9.07 14.78
CA PRO A 525 6.58 7.97 14.07
C PRO A 525 5.58 7.00 13.46
N LYS A 526 5.60 6.89 12.14
CA LYS A 526 4.72 6.00 11.38
C LYS A 526 5.53 5.39 10.26
N GLY A 527 5.09 4.22 9.79
CA GLY A 527 5.72 3.57 8.65
C GLY A 527 5.25 4.16 7.34
N LEU A 528 5.73 3.56 6.25
CA LEU A 528 5.51 4.11 4.91
C LEU A 528 4.05 4.17 4.45
N THR A 529 3.17 3.35 5.03
CA THR A 529 1.75 3.40 4.68
C THR A 529 0.84 3.79 5.85
N GLY A 530 1.42 4.43 6.85
CA GLY A 530 0.66 5.11 7.90
C GLY A 530 0.49 4.35 9.19
N LYS A 531 1.06 3.15 9.29
CA LYS A 531 0.91 2.37 10.52
C LYS A 531 1.81 2.94 11.60
N ILE A 532 1.26 3.07 12.80
CA ILE A 532 1.95 3.66 13.95
C ILE A 532 3.15 2.81 14.36
N ASP A 533 4.30 3.46 14.58
CA ASP A 533 5.52 2.78 15.06
C ASP A 533 5.49 2.76 16.56
N GLY A 534 4.89 1.71 17.13
CA GLY A 534 4.77 1.56 18.57
C GLY A 534 6.07 1.61 19.34
N ARG A 535 7.10 0.92 18.82
CA ARG A 535 8.40 0.89 19.49
C ARG A 535 8.96 2.30 19.65
N ALA A 536 8.83 3.09 18.59
CA ALA A 536 9.32 4.46 18.61
C ALA A 536 8.51 5.34 19.56
N ILE A 537 7.18 5.15 19.58
CA ILE A 537 6.34 5.90 20.50
C ILE A 537 6.67 5.57 21.96
N ARG A 538 6.87 4.29 22.26
CA ARG A 538 7.23 3.89 23.62
C ARG A 538 8.54 4.56 24.06
N GLU A 539 9.49 4.71 23.14
CA GLU A 539 10.76 5.35 23.45
C GLU A 539 10.58 6.84 23.79
N ILE A 540 9.73 7.53 23.02
CA ILE A 540 9.44 8.93 23.29
C ILE A 540 8.79 9.06 24.67
N LEU A 541 7.82 8.19 24.93
CA LEU A 541 7.06 8.24 26.18
C LEU A 541 7.92 7.98 27.43
N LYS A 542 8.99 7.21 27.23
CA LYS A 542 9.91 6.82 28.32
C LYS A 542 10.82 7.98 28.74
N LYS A 543 11.14 8.85 27.78
CA LYS A 543 12.02 10.00 28.03
C LYS A 543 11.46 10.97 29.07
N PRO A 544 12.29 11.34 30.04
CA PRO A 544 11.98 12.44 30.97
C PRO A 544 11.83 13.76 30.21
N VAL A 545 10.64 14.35 30.28
CA VAL A 545 10.34 15.59 29.56
C VAL A 545 9.65 16.62 30.46
P AMP B . 1.78 -4.41 5.26
O1P AMP B . 1.23 -4.92 4.00
O2P AMP B . 2.51 -5.56 5.97
O3P AMP B . 2.76 -3.23 5.12
O5' AMP B . 0.61 -3.98 6.27
C5' AMP B . -0.54 -4.80 6.38
C4' AMP B . -1.26 -4.32 7.63
O4' AMP B . -1.75 -3.00 7.46
C3' AMP B . -2.50 -5.14 7.99
O3' AMP B . -2.14 -6.34 8.65
C2' AMP B . -3.24 -4.15 8.87
O2' AMP B . -2.73 -4.13 10.18
C1' AMP B . -2.93 -2.81 8.22
N9 AMP B . -4.02 -2.38 7.32
C8 AMP B . -4.05 -2.43 5.94
N7 AMP B . -5.23 -1.93 5.51
C5 AMP B . -5.95 -1.54 6.60
C6 AMP B . -7.20 -0.97 6.78
N6 AMP B . -8.01 -0.67 5.77
N1 AMP B . -7.63 -0.71 8.06
C2 AMP B . -6.86 -1.02 9.16
N3 AMP B . -5.62 -1.56 8.99
C4 AMP B . -5.18 -1.82 7.72
O6' OLU C . -1.03 -3.18 3.77
C4' OLU C . -1.54 -3.29 2.66
N3' OLU C . -2.63 -2.66 2.23
C2' OLU C . -2.95 -2.97 0.97
S1' OLU C . -1.99 -4.01 0.15
C5' OLU C . -0.94 -4.17 1.61
C2 OLU C . -4.13 -2.37 0.29
S1 OLU C . -5.12 -1.32 1.21
C5 OLU C . -6.02 -1.08 -0.14
C6 OLU C . -7.14 -0.25 -0.25
C4 OLU C . -5.57 -1.80 -1.35
N3 OLU C . -4.50 -2.51 -1.00
C9 OLU C . -6.26 -1.67 -2.55
C8 OLU C . -7.38 -0.84 -2.61
C7 OLU C . -7.82 -0.13 -1.49
O7 OLU C . -8.92 0.67 -1.61
#